data_1XIV
#
_entry.id   1XIV
#
_cell.length_a   80.568
_cell.length_b   85.393
_cell.length_c   92.263
_cell.angle_alpha   90.00
_cell.angle_beta   90.00
_cell.angle_gamma   90.00
#
_symmetry.space_group_name_H-M   'I 2 2 2'
#
loop_
_entity.id
_entity.type
_entity.pdbx_description
1 polymer 'L-lactate dehydrogenase'
2 non-polymer 2-({4-CHLORO-2-[HYDROXY(METHOXY)METHYL]CYCLOHEXYL}AMINO)ETHANE-1,1,2-TRIOL
3 non-polymer GLYCEROL
4 water water
#
_entity_poly.entity_id   1
_entity_poly.type   'polypeptide(L)'
_entity_poly.pdbx_seq_one_letter_code
;APKAKIVLVGSGMIGGVMATLIVQKNLGDVVLFDIVKNMPHGKALDTSHTNVMAYSNCKVSGSNTYDDLAGADVVIVTAG
FTKAPGKSDKEWNRDDLLPLNNKIMIEIGGHIKKNCPNAFIIVVTNPVDVMVQLLHQHSGVPKNKIIGLGGVLDTSRLKY
YISQKLNVCPRDVNAHIVGAHGNKMVLLKRYITVGGIPLQEFINNKLISDAELEAIFDRTVNTALEIVNLHASPYVAPAA
AIIEMAESYLKDLKKVLICSTLLEGQYGHSDIFGGTPVVLGANGVEQVIELQLNSEEKAKFDEAIAETKRMKALAHAHHH
HHH
;
_entity_poly.pdbx_strand_id   A
#
loop_
_chem_comp.id
_chem_comp.type
_chem_comp.name
_chem_comp.formula
GOL non-polymer GLYCEROL 'C3 H8 O3'
RB2 non-polymer 2-({4-CHLORO-2-[HYDROXY(METHOXY)METHYL]CYCLOHEXYL}AMINO)ETHANE-1,1,2-TRIOL 'C10 H20 Cl N O5'
#
# COMPACT_ATOMS: atom_id res chain seq x y z
N ALA A 1 21.60 -9.25 -15.14
CA ALA A 1 20.46 -10.10 -15.62
C ALA A 1 19.15 -9.29 -15.71
N PRO A 2 18.07 -9.64 -16.70
CA PRO A 2 16.67 -9.24 -16.78
C PRO A 2 15.87 -9.67 -15.56
N LYS A 3 16.45 -10.32 -14.54
CA LYS A 3 15.80 -10.38 -13.22
C LYS A 3 15.45 -8.95 -12.82
N ALA A 4 14.28 -8.77 -12.21
CA ALA A 4 13.85 -7.46 -11.74
C ALA A 4 14.76 -7.01 -10.59
N LYS A 5 14.95 -5.69 -10.47
CA LYS A 5 15.67 -5.10 -9.34
C LYS A 5 14.63 -4.31 -8.55
N ILE A 6 14.52 -4.62 -7.27
CA ILE A 6 13.52 -4.03 -6.37
C ILE A 6 14.26 -3.33 -5.25
N VAL A 7 14.08 -2.00 -5.16
CA VAL A 7 14.77 -1.24 -4.15
C VAL A 7 13.77 -0.83 -3.10
N LEU A 8 14.07 -1.22 -1.88
CA LEU A 8 13.31 -0.87 -0.71
C LEU A 8 13.95 0.34 -0.06
N VAL A 9 13.32 1.50 -0.23
CA VAL A 9 13.85 2.74 0.35
C VAL A 9 13.25 2.86 1.74
N GLY A 10 14.05 2.41 2.70
CA GLY A 10 13.65 2.22 4.08
C GLY A 10 13.77 0.74 4.42
N SER A 11 14.61 0.43 5.41
CA SER A 11 14.94 -0.95 5.79
C SER A 11 14.50 -1.27 7.23
N GLY A 12 13.35 -0.73 7.64
CA GLY A 12 12.76 -1.02 8.92
C GLY A 12 11.99 -2.33 8.93
N MET A 13 10.98 -2.41 9.79
CA MET A 13 10.31 -3.70 9.98
C MET A 13 9.54 -4.12 8.73
N ILE A 14 8.83 -3.18 8.12
CA ILE A 14 8.08 -3.54 6.88
C ILE A 14 9.08 -3.93 5.79
N GLY A 15 10.17 -3.19 5.65
CA GLY A 15 11.20 -3.52 4.67
C GLY A 15 11.77 -4.93 4.87
N GLY A 16 12.00 -5.31 6.12
CA GLY A 16 12.53 -6.63 6.42
C GLY A 16 11.62 -7.78 6.03
N VAL A 17 10.25 -7.52 6.23
CA VAL A 17 9.33 -8.62 5.83
C VAL A 17 9.24 -8.65 4.32
N MET A 18 9.26 -7.47 3.69
CA MET A 18 9.20 -7.42 2.23
C MET A 18 10.36 -8.18 1.60
N ALA A 19 11.58 -7.99 2.09
CA ALA A 19 12.75 -8.65 1.52
C ALA A 19 12.57 -10.16 1.68
N THR A 20 12.10 -10.60 2.86
CA THR A 20 11.84 -12.03 3.13
C THR A 20 10.88 -12.60 2.10
N LEU A 21 9.78 -11.89 1.88
CA LEU A 21 8.74 -12.40 0.99
C LEU A 21 9.17 -12.39 -0.47
N ILE A 22 9.97 -11.39 -0.85
CA ILE A 22 10.49 -11.33 -2.22
C ILE A 22 11.34 -12.59 -2.48
N VAL A 23 12.19 -12.95 -1.52
CA VAL A 23 13.03 -14.13 -1.69
C VAL A 23 12.17 -15.40 -1.73
N GLN A 24 11.21 -15.52 -0.81
CA GLN A 24 10.30 -16.70 -0.82
C GLN A 24 9.66 -16.90 -2.19
N LYS A 25 9.28 -15.78 -2.81
CA LYS A 25 8.57 -15.78 -4.09
C LYS A 25 9.48 -15.66 -5.30
N ASN A 26 10.79 -15.60 -5.06
CA ASN A 26 11.79 -15.44 -6.12
C ASN A 26 11.44 -14.29 -7.08
N LEU A 27 11.00 -13.15 -6.55
CA LEU A 27 10.48 -12.06 -7.39
C LEU A 27 11.52 -11.17 -8.07
N GLY A 28 12.69 -11.03 -7.46
CA GLY A 28 13.76 -10.26 -8.03
C GLY A 28 14.86 -10.01 -7.06
N ASP A 29 15.93 -9.37 -7.54
CA ASP A 29 17.00 -8.91 -6.69
C ASP A 29 16.50 -7.77 -5.80
N VAL A 30 16.99 -7.66 -4.54
CA VAL A 30 16.51 -6.72 -3.49
C VAL A 30 17.65 -5.87 -3.05
N VAL A 31 17.42 -4.56 -3.01
CA VAL A 31 18.29 -3.66 -2.25
C VAL A 31 17.52 -3.13 -1.04
N LEU A 32 18.06 -3.37 0.15
CA LEU A 32 17.58 -2.76 1.38
C LEU A 32 18.38 -1.47 1.56
N PHE A 33 17.77 -0.35 1.20
CA PHE A 33 18.38 0.96 1.37
C PHE A 33 17.93 1.62 2.70
N ASP A 34 18.85 2.29 3.38
CA ASP A 34 18.51 3.14 4.51
C ASP A 34 19.63 4.14 4.71
N ILE A 35 19.32 5.24 5.40
CA ILE A 35 20.40 6.16 5.78
C ILE A 35 21.15 5.68 7.01
N VAL A 36 20.56 4.74 7.75
CA VAL A 36 21.23 4.10 8.89
C VAL A 36 22.41 3.24 8.41
N LYS A 37 23.58 3.48 8.98
CA LYS A 37 24.78 2.72 8.66
C LYS A 37 24.66 1.25 9.12
N ASN A 38 25.19 0.35 8.30
CA ASN A 38 25.45 -1.05 8.67
C ASN A 38 24.21 -1.93 8.71
N MET A 39 23.17 -1.45 9.39
CA MET A 39 21.94 -2.22 9.60
C MET A 39 21.35 -2.86 8.33
N PRO A 40 21.18 -2.12 7.23
CA PRO A 40 20.60 -2.76 6.02
C PRO A 40 21.48 -3.88 5.47
N HIS A 41 22.79 -3.71 5.56
CA HIS A 41 23.72 -4.79 5.20
C HIS A 41 23.52 -6.02 6.10
N GLY A 42 23.28 -5.84 7.39
CA GLY A 42 23.05 -6.96 8.28
C GLY A 42 21.76 -7.72 7.95
N LYS A 43 20.68 -6.99 7.75
CA LYS A 43 19.39 -7.60 7.41
C LYS A 43 19.48 -8.29 6.05
N ALA A 44 20.20 -7.66 5.12
CA ALA A 44 20.40 -8.20 3.78
C ALA A 44 21.14 -9.54 3.85
N LEU A 45 22.15 -9.61 4.71
CA LEU A 45 22.96 -10.82 4.79
C LEU A 45 22.13 -11.96 5.35
N ASP A 46 21.43 -11.70 6.44
CA ASP A 46 20.55 -12.68 7.07
C ASP A 46 19.55 -13.23 6.02
N THR A 47 18.92 -12.31 5.31
CA THR A 47 17.85 -12.67 4.38
C THR A 47 18.38 -13.47 3.21
N SER A 48 19.61 -13.15 2.78
CA SER A 48 20.18 -13.75 1.59
C SER A 48 20.32 -15.28 1.74
N HIS A 49 20.55 -15.76 2.97
CA HIS A 49 20.75 -17.17 3.19
C HIS A 49 19.50 -17.98 2.91
N THR A 50 18.33 -17.34 3.01
CA THR A 50 17.05 -18.00 2.76
C THR A 50 16.85 -18.42 1.28
N ASN A 51 17.68 -17.93 0.38
CA ASN A 51 17.66 -18.45 -0.98
C ASN A 51 17.80 -19.95 -0.98
N VAL A 52 18.59 -20.48 -0.04
CA VAL A 52 18.81 -21.91 0.01
C VAL A 52 17.52 -22.68 0.37
N MET A 53 16.92 -22.29 1.50
CA MET A 53 15.69 -22.92 1.96
C MET A 53 14.56 -22.72 0.96
N ALA A 54 14.55 -21.60 0.25
CA ALA A 54 13.42 -21.25 -0.64
C ALA A 54 13.58 -21.75 -2.08
N TYR A 55 14.73 -22.28 -2.41
CA TYR A 55 15.11 -22.65 -3.81
C TYR A 55 15.02 -21.47 -4.76
N SER A 56 15.43 -20.31 -4.25
CA SER A 56 15.40 -19.07 -5.01
C SER A 56 16.78 -18.63 -5.41
N ASN A 57 16.83 -17.60 -6.24
CA ASN A 57 18.11 -17.00 -6.64
C ASN A 57 17.97 -15.48 -6.76
N CYS A 58 17.72 -14.83 -5.64
CA CYS A 58 17.61 -13.38 -5.58
C CYS A 58 18.77 -12.82 -4.78
N LYS A 59 19.50 -11.87 -5.34
CA LYS A 59 20.52 -11.16 -4.59
C LYS A 59 19.84 -10.27 -3.55
N VAL A 60 20.38 -10.19 -2.35
CA VAL A 60 19.86 -9.30 -1.33
C VAL A 60 21.06 -8.53 -0.81
N SER A 61 21.07 -7.23 -1.05
CA SER A 61 22.17 -6.35 -0.69
C SER A 61 21.64 -5.17 0.14
N GLY A 62 22.48 -4.65 1.02
CA GLY A 62 22.17 -3.42 1.74
C GLY A 62 22.86 -2.24 1.06
N SER A 63 22.38 -1.05 1.38
CA SER A 63 22.88 0.16 0.73
C SER A 63 22.57 1.36 1.59
N ASN A 64 23.78 2.36 1.56
CA ASN A 64 23.49 3.69 2.08
C ASN A 64 23.63 4.69 0.97
N THR A 65 23.66 4.21 -0.27
CA THR A 65 23.94 5.07 -1.42
C THR A 65 22.74 5.20 -2.34
N TYR A 66 22.22 6.42 -2.49
CA TYR A 66 21.03 6.62 -3.30
C TYR A 66 21.22 6.21 -4.76
N ASP A 67 22.44 6.29 -5.30
CA ASP A 67 22.69 5.98 -6.68
C ASP A 67 22.46 4.49 -7.00
N ASP A 68 22.37 3.66 -5.97
CA ASP A 68 21.93 2.28 -6.15
C ASP A 68 20.47 2.13 -6.57
N LEU A 69 19.72 3.22 -6.63
CA LEU A 69 18.44 3.23 -7.31
C LEU A 69 18.55 3.00 -8.80
N ALA A 70 19.72 3.22 -9.38
CA ALA A 70 19.90 3.01 -10.81
C ALA A 70 19.47 1.60 -11.20
N GLY A 71 18.72 1.51 -12.28
CA GLY A 71 18.29 0.23 -12.80
C GLY A 71 17.11 -0.37 -12.05
N ALA A 72 16.57 0.34 -11.05
CA ALA A 72 15.44 -0.23 -10.32
C ALA A 72 14.21 -0.37 -11.22
N ASP A 73 13.54 -1.52 -11.13
CA ASP A 73 12.26 -1.72 -11.78
C ASP A 73 11.09 -1.35 -10.87
N VAL A 74 11.26 -1.61 -9.58
CA VAL A 74 10.26 -1.27 -8.55
C VAL A 74 11.00 -0.60 -7.39
N VAL A 75 10.40 0.48 -6.86
CA VAL A 75 10.92 1.19 -5.70
C VAL A 75 9.77 1.28 -4.70
N ILE A 76 10.01 0.84 -3.48
CA ILE A 76 9.01 0.81 -2.42
C ILE A 76 9.47 1.69 -1.27
N VAL A 77 8.74 2.76 -1.02
CA VAL A 77 9.15 3.77 -0.05
C VAL A 77 8.41 3.62 1.28
N THR A 78 9.17 3.23 2.30
CA THR A 78 8.70 3.23 3.67
C THR A 78 9.38 4.22 4.57
N ALA A 79 10.41 4.90 4.06
CA ALA A 79 11.18 5.86 4.87
C ALA A 79 10.27 6.99 5.39
N GLY A 80 10.53 7.45 6.59
CA GLY A 80 9.76 8.56 7.15
C GLY A 80 9.71 8.52 8.66
N PHE A 81 9.57 9.70 9.25
CA PHE A 81 9.30 9.79 10.69
C PHE A 81 7.87 9.31 11.01
N THR A 82 7.73 8.65 12.17
CA THR A 82 6.42 8.20 12.69
C THR A 82 6.25 8.61 14.18
N ARG A 94 0.73 12.45 13.77
CA ARG A 94 0.73 13.87 14.13
C ARG A 94 1.21 14.78 13.00
N ASP A 95 0.49 15.90 12.87
CA ASP A 95 0.65 16.83 11.78
C ASP A 95 2.05 17.47 11.73
N ASP A 96 2.75 17.53 12.87
CA ASP A 96 4.09 18.13 12.91
C ASP A 96 5.07 17.36 12.03
N LEU A 97 4.84 16.07 11.85
CA LEU A 97 5.73 15.26 11.02
C LEU A 97 5.55 15.53 9.52
N LEU A 98 4.43 16.12 9.13
CA LEU A 98 4.13 16.30 7.69
C LEU A 98 5.24 17.03 6.90
N PRO A 99 5.66 18.23 7.31
CA PRO A 99 6.74 18.91 6.60
C PRO A 99 8.07 18.14 6.61
N LEU A 100 8.37 17.43 7.69
CA LEU A 100 9.58 16.60 7.79
C LEU A 100 9.54 15.48 6.74
N ASN A 101 8.41 14.80 6.65
CA ASN A 101 8.29 13.72 5.68
C ASN A 101 8.18 14.22 4.25
N ASN A 102 7.63 15.41 4.04
CA ASN A 102 7.68 16.03 2.72
C ASN A 102 9.14 16.19 2.26
N LYS A 103 10.01 16.65 3.15
CA LYS A 103 11.41 16.81 2.78
C LYS A 103 12.06 15.49 2.39
N ILE A 104 11.67 14.40 3.05
CA ILE A 104 12.15 13.07 2.68
C ILE A 104 11.63 12.66 1.30
N MET A 105 10.35 12.90 1.02
CA MET A 105 9.81 12.62 -0.30
C MET A 105 10.49 13.44 -1.39
N ILE A 106 10.86 14.69 -1.08
CA ILE A 106 11.57 15.53 -2.02
C ILE A 106 12.93 14.92 -2.40
N GLU A 107 13.66 14.53 -1.38
CA GLU A 107 14.97 13.95 -1.52
C GLU A 107 14.90 12.67 -2.34
N ILE A 108 13.98 11.79 -1.96
CA ILE A 108 13.84 10.52 -2.67
C ILE A 108 13.39 10.73 -4.12
N GLY A 109 12.48 11.68 -4.34
CA GLY A 109 11.95 11.98 -5.66
C GLY A 109 13.04 12.46 -6.61
N GLY A 110 13.93 13.31 -6.12
CA GLY A 110 15.03 13.77 -6.95
C GLY A 110 15.92 12.62 -7.38
N HIS A 111 16.16 11.67 -6.48
CA HIS A 111 16.99 10.50 -6.77
C HIS A 111 16.27 9.52 -7.75
N ILE A 112 14.95 9.40 -7.62
CA ILE A 112 14.21 8.59 -8.60
C ILE A 112 14.28 9.20 -10.00
N LYS A 113 14.11 10.53 -10.10
CA LYS A 113 14.09 11.17 -11.39
C LYS A 113 15.43 10.96 -12.08
N LYS A 114 16.50 11.09 -11.31
CA LYS A 114 17.85 10.96 -11.84
C LYS A 114 18.21 9.52 -12.22
N ASN A 115 17.91 8.58 -11.35
CA ASN A 115 18.47 7.22 -11.46
C ASN A 115 17.54 6.18 -12.05
N CYS A 116 16.23 6.34 -11.85
CA CYS A 116 15.28 5.29 -12.28
C CYS A 116 13.91 5.88 -12.62
N PRO A 117 13.88 6.79 -13.59
CA PRO A 117 12.63 7.48 -13.95
C PRO A 117 11.56 6.52 -14.48
N ASN A 118 11.97 5.35 -14.93
CA ASN A 118 11.00 4.38 -15.47
C ASN A 118 10.55 3.34 -14.47
N ALA A 119 10.93 3.51 -13.20
CA ALA A 119 10.58 2.55 -12.16
C ALA A 119 9.10 2.69 -11.78
N PHE A 120 8.53 1.60 -11.30
CA PHE A 120 7.18 1.62 -10.75
C PHE A 120 7.35 1.83 -9.25
N ILE A 121 6.64 2.82 -8.72
CA ILE A 121 6.82 3.30 -7.35
C ILE A 121 5.61 3.00 -6.46
N ILE A 122 5.85 2.40 -5.31
CA ILE A 122 4.85 2.17 -4.30
C ILE A 122 5.25 2.92 -3.04
N VAL A 123 4.36 3.81 -2.59
CA VAL A 123 4.58 4.62 -1.42
C VAL A 123 3.79 4.08 -0.23
N VAL A 124 4.47 4.00 0.92
CA VAL A 124 3.90 3.50 2.16
C VAL A 124 3.85 4.53 3.28
N THR A 125 4.81 5.44 3.27
CA THR A 125 4.95 6.47 4.30
C THR A 125 3.64 7.16 4.59
N ASN A 126 3.25 7.22 5.86
CA ASN A 126 1.97 7.83 6.22
C ASN A 126 2.10 9.35 6.45
N PRO A 127 1.02 10.10 6.18
CA PRO A 127 -0.22 9.59 5.62
C PRO A 127 -0.09 9.35 4.11
N VAL A 128 -0.37 8.11 3.69
CA VAL A 128 0.03 7.64 2.37
C VAL A 128 -0.57 8.48 1.25
N ASP A 129 -1.83 8.86 1.37
CA ASP A 129 -2.50 9.52 0.26
C ASP A 129 -1.93 10.91 -0.02
N VAL A 130 -1.34 11.50 1.01
CA VAL A 130 -0.62 12.76 0.88
C VAL A 130 0.79 12.46 0.31
N MET A 131 1.52 11.57 0.96
CA MET A 131 2.93 11.36 0.65
C MET A 131 3.11 10.81 -0.77
N VAL A 132 2.18 9.99 -1.24
CA VAL A 132 2.28 9.49 -2.62
C VAL A 132 2.21 10.61 -3.66
N GLN A 133 1.35 11.59 -3.42
CA GLN A 133 1.22 12.71 -4.35
C GLN A 133 2.47 13.61 -4.28
N LEU A 134 3.00 13.83 -3.08
CA LEU A 134 4.21 14.63 -2.96
C LEU A 134 5.33 13.94 -3.75
N LEU A 135 5.49 12.62 -3.57
CA LEU A 135 6.51 11.90 -4.33
C LEU A 135 6.24 11.89 -5.83
N HIS A 136 4.99 11.80 -6.23
CA HIS A 136 4.64 11.93 -7.63
C HIS A 136 5.17 13.26 -8.21
N GLN A 137 4.90 14.32 -7.48
CA GLN A 137 5.31 15.65 -7.90
C GLN A 137 6.80 15.81 -7.96
N HIS A 138 7.52 15.29 -6.98
CA HIS A 138 8.97 15.50 -6.87
C HIS A 138 9.75 14.51 -7.76
N SER A 139 9.18 13.36 -8.06
CA SER A 139 9.89 12.34 -8.87
C SER A 139 9.69 12.52 -10.37
N GLY A 140 8.59 13.14 -10.77
CA GLY A 140 8.27 13.34 -12.17
C GLY A 140 7.74 12.14 -12.93
N VAL A 141 7.49 11.03 -12.24
CA VAL A 141 7.06 9.81 -12.92
C VAL A 141 5.62 9.95 -13.42
N PRO A 142 5.27 9.17 -14.43
CA PRO A 142 3.90 9.21 -14.97
C PRO A 142 2.84 8.75 -13.95
N LYS A 143 1.61 9.20 -14.12
CA LYS A 143 0.53 8.95 -13.13
C LYS A 143 0.25 7.45 -13.03
N ASN A 144 0.54 6.71 -14.08
CA ASN A 144 0.27 5.28 -14.06
C ASN A 144 1.38 4.48 -13.40
N LYS A 145 2.43 5.17 -12.93
CA LYS A 145 3.62 4.47 -12.46
C LYS A 145 3.90 4.70 -10.98
N ILE A 146 2.96 5.31 -10.28
CA ILE A 146 3.10 5.47 -8.84
C ILE A 146 1.76 5.30 -8.14
N ILE A 147 1.77 4.48 -7.09
CA ILE A 147 0.58 4.22 -6.27
C ILE A 147 0.94 4.23 -4.78
N GLY A 148 -0.06 4.34 -3.93
CA GLY A 148 0.11 4.21 -2.49
C GLY A 148 -0.58 3.00 -1.91
N LEU A 149 0.01 2.42 -0.87
CA LEU A 149 -0.64 1.36 -0.12
C LEU A 149 -1.86 1.90 0.64
N GLY A 150 -2.95 1.18 0.60
CA GLY A 150 -4.10 1.47 1.45
C GLY A 150 -5.07 0.32 1.43
N GLY A 151 -5.87 0.27 0.37
CA GLY A 151 -7.00 -0.60 0.34
C GLY A 151 -6.72 -2.08 0.42
N VAL A 152 -5.60 -2.55 -0.10
CA VAL A 152 -5.31 -3.97 0.00
C VAL A 152 -5.12 -4.33 1.47
N LEU A 153 -4.41 -3.48 2.20
CA LEU A 153 -4.19 -3.72 3.61
C LEU A 153 -5.49 -3.57 4.42
N ASP A 154 -6.22 -2.46 4.23
CA ASP A 154 -7.41 -2.21 5.03
C ASP A 154 -8.46 -3.28 4.75
N THR A 155 -8.67 -3.66 3.49
CA THR A 155 -9.67 -4.68 3.19
C THR A 155 -9.22 -6.08 3.63
N SER A 156 -7.92 -6.33 3.81
CA SER A 156 -7.51 -7.64 4.32
C SER A 156 -8.11 -7.89 5.71
N ARG A 157 -8.18 -6.82 6.50
CA ARG A 157 -8.81 -6.90 7.83
C ARG A 157 -10.28 -7.20 7.74
N LEU A 158 -11.01 -6.42 6.97
CA LEU A 158 -12.44 -6.61 6.81
C LEU A 158 -12.77 -8.01 6.27
N LYS A 159 -12.12 -8.38 5.16
CA LYS A 159 -12.31 -9.72 4.60
C LYS A 159 -12.01 -10.81 5.63
N TYR A 160 -10.89 -10.67 6.33
CA TYR A 160 -10.51 -11.69 7.31
C TYR A 160 -11.53 -11.83 8.45
N TYR A 161 -11.90 -10.72 9.07
CA TYR A 161 -12.86 -10.76 10.17
C TYR A 161 -14.20 -11.38 9.75
N ILE A 162 -14.72 -11.03 8.57
CA ILE A 162 -15.97 -11.63 8.10
C ILE A 162 -15.79 -13.12 7.84
N SER A 163 -14.66 -13.50 7.25
CA SER A 163 -14.41 -14.92 6.95
C SER A 163 -14.40 -15.78 8.19
N GLN A 164 -13.93 -15.20 9.29
CA GLN A 164 -13.87 -15.95 10.54
C GLN A 164 -15.28 -16.17 11.11
N LYS A 165 -16.14 -15.16 11.00
CA LYS A 165 -17.54 -15.33 11.40
C LYS A 165 -18.28 -16.35 10.54
N LEU A 166 -18.02 -16.34 9.24
CA LEU A 166 -18.76 -17.17 8.32
C LEU A 166 -18.13 -18.55 8.07
N ASN A 167 -16.96 -18.79 8.64
CA ASN A 167 -16.23 -20.03 8.45
C ASN A 167 -16.00 -20.40 7.00
N VAL A 168 -15.50 -19.42 6.26
CA VAL A 168 -15.12 -19.60 4.85
C VAL A 168 -13.66 -19.15 4.66
N CYS A 169 -13.07 -19.59 3.55
CA CYS A 169 -11.73 -19.19 3.18
C CYS A 169 -11.60 -17.67 3.16
N PRO A 170 -10.64 -17.09 3.85
CA PRO A 170 -10.53 -15.61 3.86
C PRO A 170 -10.60 -14.89 2.51
N ARG A 171 -9.87 -15.38 1.52
CA ARG A 171 -9.84 -14.80 0.15
C ARG A 171 -11.18 -14.84 -0.54
N ASP A 172 -12.08 -15.72 -0.10
CA ASP A 172 -13.42 -15.79 -0.67
C ASP A 172 -14.35 -14.69 -0.19
N VAL A 173 -13.94 -13.88 0.78
CA VAL A 173 -14.66 -12.66 1.07
C VAL A 173 -14.01 -11.53 0.28
N ASN A 174 -14.82 -10.75 -0.44
CA ASN A 174 -14.34 -9.56 -1.13
C ASN A 174 -15.01 -8.31 -0.60
N ALA A 175 -14.30 -7.22 -0.63
CA ALA A 175 -14.78 -5.99 0.00
C ALA A 175 -13.97 -4.81 -0.47
N HIS A 176 -14.57 -3.62 -0.41
CA HIS A 176 -14.01 -2.35 -0.90
C HIS A 176 -13.98 -1.32 0.21
N ILE A 177 -12.80 -0.75 0.40
CA ILE A 177 -12.58 0.36 1.30
C ILE A 177 -11.83 1.38 0.44
N VAL A 178 -12.39 2.60 0.38
CA VAL A 178 -11.91 3.61 -0.55
C VAL A 178 -11.68 4.95 0.09
N GLY A 179 -11.21 5.90 -0.72
CA GLY A 179 -11.05 7.29 -0.30
C GLY A 179 -9.67 7.57 0.23
N ALA A 180 -9.37 7.06 1.41
CA ALA A 180 -8.07 7.19 2.01
C ALA A 180 -7.75 6.03 2.94
N HIS A 181 -6.45 5.87 3.18
CA HIS A 181 -5.95 4.96 4.18
C HIS A 181 -6.20 5.84 5.44
N GLY A 182 -6.26 5.27 6.60
CA GLY A 182 -6.42 6.09 7.79
C GLY A 182 -7.84 6.16 8.29
N ASN A 183 -8.05 6.98 9.32
CA ASN A 183 -9.28 6.98 10.08
C ASN A 183 -10.51 7.37 9.28
N LYS A 184 -10.34 7.99 8.11
CA LYS A 184 -11.47 8.39 7.25
C LYS A 184 -11.72 7.42 6.14
N MET A 185 -11.08 6.24 6.21
CA MET A 185 -11.34 5.21 5.20
C MET A 185 -12.85 4.92 5.08
N VAL A 186 -13.30 4.73 3.86
CA VAL A 186 -14.73 4.52 3.58
C VAL A 186 -15.04 3.04 3.38
N LEU A 187 -15.76 2.45 4.32
CA LEU A 187 -16.06 1.02 4.28
C LEU A 187 -17.41 0.89 3.61
N LEU A 188 -17.45 0.25 2.44
CA LEU A 188 -18.63 0.20 1.65
C LEU A 188 -19.39 -1.12 1.85
N LYS A 189 -20.34 -1.09 2.77
CA LYS A 189 -21.13 -2.27 3.08
C LYS A 189 -21.78 -2.92 1.84
N ARG A 190 -22.22 -2.11 0.89
CA ARG A 190 -22.91 -2.58 -0.30
C ARG A 190 -22.01 -3.41 -1.25
N TYR A 191 -20.70 -3.25 -1.08
CA TYR A 191 -19.71 -3.87 -1.97
C TYR A 191 -18.99 -5.07 -1.31
N ILE A 192 -19.61 -5.69 -0.31
CA ILE A 192 -19.08 -6.90 0.31
C ILE A 192 -19.75 -8.13 -0.26
N THR A 193 -18.95 -9.12 -0.66
CA THR A 193 -19.47 -10.42 -1.16
C THR A 193 -18.74 -11.56 -0.47
N VAL A 194 -19.35 -12.73 -0.50
CA VAL A 194 -18.82 -13.96 0.08
C VAL A 194 -18.98 -15.01 -1.00
N GLY A 195 -17.88 -15.55 -1.53
CA GLY A 195 -17.98 -16.41 -2.69
C GLY A 195 -18.71 -15.75 -3.84
N GLY A 196 -18.55 -14.44 -3.98
CA GLY A 196 -19.17 -13.69 -5.07
C GLY A 196 -20.67 -13.39 -4.88
N ILE A 197 -21.21 -13.75 -3.71
CA ILE A 197 -22.62 -13.60 -3.38
C ILE A 197 -22.75 -12.35 -2.52
N PRO A 198 -23.76 -11.51 -2.72
CA PRO A 198 -23.89 -10.33 -1.85
C PRO A 198 -23.97 -10.71 -0.38
N LEU A 199 -23.25 -10.01 0.46
CA LEU A 199 -23.26 -10.25 1.90
C LEU A 199 -24.68 -10.18 2.47
N GLN A 200 -25.52 -9.33 1.87
CA GLN A 200 -26.90 -9.20 2.35
C GLN A 200 -27.65 -10.53 2.38
N GLU A 201 -27.34 -11.45 1.46
CA GLU A 201 -28.00 -12.75 1.51
C GLU A 201 -27.68 -13.50 2.83
N PHE A 202 -26.42 -13.39 3.25
CA PHE A 202 -25.96 -13.97 4.52
C PHE A 202 -26.58 -13.28 5.76
N ILE A 203 -26.84 -11.97 5.64
CA ILE A 203 -27.54 -11.23 6.70
C ILE A 203 -29.00 -11.69 6.76
N ASN A 204 -29.63 -11.80 5.60
CA ASN A 204 -31.02 -12.25 5.50
C ASN A 204 -31.19 -13.61 6.16
N ASN A 205 -30.24 -14.49 5.92
CA ASN A 205 -30.20 -15.85 6.48
C ASN A 205 -29.73 -15.96 7.94
N LYS A 206 -29.47 -14.82 8.57
CA LYS A 206 -29.12 -14.72 10.00
C LYS A 206 -27.83 -15.41 10.34
N LEU A 207 -26.78 -15.63 9.18
CA LEU A 207 -25.46 -16.17 9.37
C LEU A 207 -24.50 -15.14 9.92
N ILE A 208 -24.82 -13.86 9.71
CA ILE A 208 -24.10 -12.73 10.28
C ILE A 208 -25.12 -11.60 10.38
N SER A 209 -25.08 -10.84 11.48
CA SER A 209 -26.05 -9.77 11.66
C SER A 209 -25.46 -8.41 11.30
N ASP A 210 -26.35 -7.44 11.12
CA ASP A 210 -25.95 -6.05 10.92
C ASP A 210 -25.11 -5.52 12.07
N ALA A 211 -25.50 -5.85 13.30
CA ALA A 211 -24.76 -5.42 14.49
C ALA A 211 -23.37 -6.02 14.51
N GLU A 212 -23.25 -7.28 14.13
CA GLU A 212 -21.93 -7.89 14.06
C GLU A 212 -21.03 -7.16 13.07
N LEU A 213 -21.74 -6.76 11.83
CA LEU A 213 -20.91 -6.17 10.81
C LEU A 213 -20.43 -4.81 11.26
N GLU A 214 -21.28 -4.08 11.98
CA GLU A 214 -20.91 -2.76 12.51
C GLU A 214 -19.69 -2.89 13.42
N ALA A 215 -19.67 -3.89 14.27
CA ALA A 215 -18.54 -4.11 15.14
C ALA A 215 -17.27 -4.45 14.34
N ILE A 216 -17.43 -5.28 13.29
CA ILE A 216 -16.30 -5.59 12.39
C ILE A 216 -15.78 -4.35 11.65
N PHE A 217 -16.69 -3.47 11.23
CA PHE A 217 -16.30 -2.21 10.59
C PHE A 217 -15.44 -1.38 11.55
N ASP A 218 -15.88 -1.21 12.79
CA ASP A 218 -15.10 -0.42 13.74
C ASP A 218 -13.75 -1.05 14.01
N ARG A 219 -13.73 -2.36 14.08
CA ARG A 219 -12.48 -3.07 14.34
C ARG A 219 -11.51 -2.86 13.19
N THR A 220 -12.05 -2.84 11.99
CA THR A 220 -11.25 -2.66 10.78
C THR A 220 -10.59 -1.29 10.79
N VAL A 221 -11.38 -0.26 11.04
CA VAL A 221 -10.85 1.11 11.08
C VAL A 221 -9.77 1.23 12.17
N ASN A 222 -10.01 0.64 13.33
CA ASN A 222 -9.09 0.75 14.45
C ASN A 222 -8.03 -0.33 14.60
N THR A 223 -7.79 -1.10 13.56
CA THR A 223 -6.93 -2.28 13.73
C THR A 223 -5.48 -1.89 14.08
N ALA A 224 -4.92 -0.90 13.40
CA ALA A 224 -3.55 -0.46 13.69
C ALA A 224 -3.46 -0.09 15.16
N LEU A 225 -4.45 0.65 15.65
CA LEU A 225 -4.45 1.04 17.08
C LEU A 225 -4.58 -0.19 17.98
N GLU A 226 -5.44 -1.14 17.63
CA GLU A 226 -5.61 -2.36 18.40
C GLU A 226 -4.27 -3.09 18.52
N ILE A 227 -3.53 -3.18 17.43
CA ILE A 227 -2.25 -3.88 17.43
C ILE A 227 -1.19 -3.11 18.24
N VAL A 228 -1.18 -1.80 18.12
CA VAL A 228 -0.24 -0.98 18.89
C VAL A 228 -0.48 -1.15 20.40
N ASN A 229 -1.76 -1.16 20.81
CA ASN A 229 -2.12 -1.30 22.24
C ASN A 229 -1.84 -2.71 22.76
N LEU A 230 -1.71 -3.67 21.86
CA LEU A 230 -1.30 -5.02 22.27
C LEU A 230 0.22 -5.12 22.40
N HIS A 231 0.91 -4.00 22.34
CA HIS A 231 2.35 -3.98 22.58
C HIS A 231 3.00 -4.70 21.39
N ALA A 232 2.41 -4.49 20.23
CA ALA A 232 3.00 -4.89 18.96
C ALA A 232 2.84 -3.70 18.00
N SER A 233 3.01 -3.92 16.70
CA SER A 233 2.65 -2.86 15.72
C SER A 233 2.59 -3.51 14.32
N PRO A 234 1.80 -2.96 13.39
CA PRO A 234 1.56 -3.68 12.13
C PRO A 234 2.68 -3.51 11.15
N TYR A 235 3.31 -4.64 10.83
CA TYR A 235 4.28 -4.69 9.73
C TYR A 235 4.20 -5.93 8.86
N VAL A 236 3.73 -7.05 9.37
CA VAL A 236 3.63 -8.25 8.52
C VAL A 236 2.55 -8.11 7.43
N ALA A 237 1.34 -7.74 7.81
CA ALA A 237 0.28 -7.60 6.83
C ALA A 237 0.49 -6.42 5.87
N PRO A 238 0.96 -5.26 6.34
CA PRO A 238 1.37 -4.24 5.40
C PRO A 238 2.38 -4.72 4.36
N ALA A 239 3.42 -5.45 4.79
CA ALA A 239 4.41 -6.00 3.87
C ALA A 239 3.77 -6.96 2.83
N ALA A 240 2.90 -7.86 3.27
CA ALA A 240 2.28 -8.80 2.36
C ALA A 240 1.39 -8.07 1.35
N ALA A 241 0.66 -7.06 1.79
CA ALA A 241 -0.15 -6.25 0.88
C ALA A 241 0.71 -5.58 -0.18
N ILE A 242 1.81 -4.97 0.24
CA ILE A 242 2.69 -4.32 -0.71
C ILE A 242 3.24 -5.28 -1.71
N ILE A 243 3.63 -6.47 -1.26
CA ILE A 243 4.21 -7.44 -2.16
C ILE A 243 3.15 -8.02 -3.13
N GLU A 244 1.90 -8.11 -2.69
CA GLU A 244 0.85 -8.49 -3.62
C GLU A 244 0.73 -7.48 -4.76
N MET A 245 0.85 -6.20 -4.41
CA MET A 245 0.80 -5.13 -5.41
C MET A 245 1.99 -5.18 -6.33
N ALA A 246 3.19 -5.31 -5.77
CA ALA A 246 4.42 -5.33 -6.55
C ALA A 246 4.44 -6.53 -7.48
N GLU A 247 3.96 -7.66 -6.97
CA GLU A 247 3.92 -8.90 -7.74
C GLU A 247 2.99 -8.76 -8.93
N SER A 248 1.84 -8.11 -8.74
CA SER A 248 0.89 -7.93 -9.83
C SER A 248 1.50 -7.17 -11.00
N TYR A 249 2.29 -6.14 -10.66
CA TYR A 249 3.05 -5.38 -11.63
C TYR A 249 4.10 -6.26 -12.32
N LEU A 250 4.97 -6.89 -11.52
CA LEU A 250 6.11 -7.61 -12.04
C LEU A 250 5.75 -8.77 -12.93
N LYS A 251 4.65 -9.46 -12.59
CA LYS A 251 4.20 -10.65 -13.33
C LYS A 251 3.03 -10.40 -14.30
N ASP A 252 2.64 -9.13 -14.45
CA ASP A 252 1.54 -8.74 -15.33
C ASP A 252 0.27 -9.55 -15.02
N LEU A 253 -0.07 -9.61 -13.74
CA LEU A 253 -1.24 -10.38 -13.32
C LEU A 253 -2.57 -9.69 -13.61
N LYS A 254 -2.57 -8.36 -13.68
CA LYS A 254 -3.76 -7.56 -13.91
C LYS A 254 -4.83 -7.80 -12.83
N LYS A 255 -4.37 -7.98 -11.60
CA LYS A 255 -5.28 -8.02 -10.47
C LYS A 255 -5.93 -6.68 -10.22
N VAL A 256 -7.17 -6.76 -9.76
CA VAL A 256 -7.91 -5.62 -9.29
C VAL A 256 -7.54 -5.48 -7.81
N LEU A 257 -6.91 -4.36 -7.46
CA LEU A 257 -6.38 -4.12 -6.11
C LEU A 257 -6.67 -2.66 -5.76
N ILE A 258 -7.13 -2.37 -4.55
CA ILE A 258 -7.46 -0.98 -4.16
C ILE A 258 -6.19 -0.31 -3.69
N CYS A 259 -5.85 0.79 -4.34
CA CYS A 259 -4.64 1.52 -4.05
C CYS A 259 -4.93 3.00 -4.20
N SER A 260 -4.04 3.82 -3.62
CA SER A 260 -4.09 5.25 -3.81
C SER A 260 -3.52 5.63 -5.16
N THR A 261 -4.28 6.41 -5.92
CA THR A 261 -3.89 6.76 -7.29
C THR A 261 -4.40 8.16 -7.62
N LEU A 262 -3.80 8.78 -8.61
CA LEU A 262 -4.23 10.12 -9.04
C LEU A 262 -5.65 10.07 -9.63
N LEU A 263 -6.53 10.85 -9.02
CA LEU A 263 -7.89 11.03 -9.53
C LEU A 263 -7.91 12.20 -10.52
N GLU A 264 -8.64 12.01 -11.61
CA GLU A 264 -8.78 12.96 -12.72
C GLU A 264 -10.25 13.17 -13.05
N GLY A 265 -11.09 13.23 -12.02
CA GLY A 265 -12.51 13.44 -12.20
C GLY A 265 -13.37 12.39 -11.54
N GLN A 266 -12.79 11.23 -11.25
CA GLN A 266 -13.56 10.16 -10.63
C GLN A 266 -14.03 10.62 -9.30
N TYR A 267 -15.28 10.26 -8.98
CA TYR A 267 -15.91 10.63 -7.74
C TYR A 267 -16.07 12.14 -7.56
N GLY A 268 -15.90 12.86 -8.66
CA GLY A 268 -15.97 14.32 -8.64
C GLY A 268 -14.69 15.01 -8.23
N HIS A 269 -13.57 14.28 -8.20
CA HIS A 269 -12.32 14.79 -7.62
C HIS A 269 -11.17 14.75 -8.60
N SER A 270 -10.37 15.81 -8.57
CA SER A 270 -9.18 15.90 -9.42
C SER A 270 -8.05 16.47 -8.58
N ASP A 271 -6.82 16.32 -9.09
CA ASP A 271 -5.62 16.99 -8.58
C ASP A 271 -5.30 16.58 -7.15
N ILE A 272 -5.68 15.07 -6.89
CA ILE A 272 -5.49 14.60 -5.54
C ILE A 272 -5.41 13.10 -5.75
N PHE A 273 -4.74 12.41 -4.82
CA PHE A 273 -4.71 10.94 -4.82
C PHE A 273 -5.74 10.44 -3.83
N GLY A 274 -6.38 9.31 -4.16
CA GLY A 274 -7.24 8.66 -3.21
C GLY A 274 -7.39 7.18 -3.57
N GLY A 275 -7.92 6.43 -2.63
CA GLY A 275 -8.06 4.99 -2.72
C GLY A 275 -9.22 4.59 -3.59
N THR A 276 -8.92 3.74 -4.57
CA THR A 276 -9.93 3.19 -5.45
C THR A 276 -9.38 1.90 -6.06
N PRO A 277 -10.25 0.98 -6.44
CA PRO A 277 -9.77 -0.19 -7.20
C PRO A 277 -9.09 0.25 -8.49
N VAL A 278 -7.92 -0.33 -8.73
CA VAL A 278 -7.19 -0.20 -9.97
C VAL A 278 -6.78 -1.57 -10.46
N VAL A 279 -6.35 -1.65 -11.71
CA VAL A 279 -5.83 -2.88 -12.24
C VAL A 279 -4.33 -2.72 -12.40
N LEU A 280 -3.55 -3.65 -11.84
CA LEU A 280 -2.08 -3.52 -11.86
C LEU A 280 -1.47 -4.57 -12.75
N GLY A 281 -0.77 -4.13 -13.79
CA GLY A 281 -0.03 -5.08 -14.60
C GLY A 281 1.24 -4.46 -15.13
N ALA A 282 1.71 -4.93 -16.27
CA ALA A 282 3.04 -4.55 -16.76
C ALA A 282 3.14 -3.08 -17.11
N ASN A 283 2.02 -2.42 -17.38
CA ASN A 283 2.03 -0.99 -17.69
C ASN A 283 1.73 -0.15 -16.45
N GLY A 284 1.85 -0.74 -15.27
CA GLY A 284 1.56 -0.05 -14.02
C GLY A 284 0.07 -0.07 -13.73
N VAL A 285 -0.50 1.11 -13.48
CA VAL A 285 -1.94 1.28 -13.32
C VAL A 285 -2.57 1.19 -14.74
N GLU A 286 -3.13 0.04 -15.07
CA GLU A 286 -3.69 -0.14 -16.42
C GLU A 286 -5.07 0.43 -16.62
N GLN A 287 -5.82 0.49 -15.46
CA GLN A 287 -7.20 0.97 -15.41
C GLN A 287 -7.44 1.51 -14.02
N VAL A 288 -8.12 2.66 -13.94
CA VAL A 288 -8.66 3.14 -12.69
C VAL A 288 -10.16 2.81 -12.72
N ILE A 289 -10.64 2.08 -11.73
CA ILE A 289 -12.02 1.68 -11.69
C ILE A 289 -12.74 2.59 -10.73
N GLU A 290 -13.79 3.23 -11.24
CA GLU A 290 -14.58 4.16 -10.46
C GLU A 290 -15.85 3.43 -10.06
N LEU A 291 -15.98 3.21 -8.77
CA LEU A 291 -17.19 2.60 -8.25
C LEU A 291 -18.36 3.57 -8.42
N GLN A 292 -19.51 3.03 -8.81
CA GLN A 292 -20.72 3.85 -8.99
C GLN A 292 -21.39 4.09 -7.62
N LEU A 293 -20.73 4.91 -6.79
CA LEU A 293 -21.18 5.24 -5.45
C LEU A 293 -22.48 6.01 -5.49
N ASN A 294 -23.34 5.75 -4.51
CA ASN A 294 -24.54 6.56 -4.30
C ASN A 294 -24.19 7.82 -3.54
N SER A 295 -25.15 8.71 -3.31
CA SER A 295 -24.78 10.03 -2.76
C SER A 295 -24.28 9.94 -1.32
N GLU A 296 -24.82 9.00 -0.55
CA GLU A 296 -24.40 8.84 0.83
C GLU A 296 -22.94 8.33 0.92
N GLU A 297 -22.58 7.42 0.02
CA GLU A 297 -21.21 6.86 -0.06
C GLU A 297 -20.27 7.94 -0.57
N LYS A 298 -20.73 8.75 -1.52
CA LYS A 298 -19.91 9.83 -2.04
C LYS A 298 -19.59 10.83 -0.98
N ALA A 299 -20.54 11.12 -0.09
CA ALA A 299 -20.28 12.07 0.97
C ALA A 299 -19.15 11.60 1.89
N LYS A 300 -19.12 10.29 2.15
CA LYS A 300 -18.03 9.74 2.96
C LYS A 300 -16.70 9.85 2.20
N PHE A 301 -16.73 9.59 0.90
CA PHE A 301 -15.55 9.71 0.05
C PHE A 301 -15.03 11.13 0.13
N ASP A 302 -15.94 12.09 0.06
CA ASP A 302 -15.56 13.51 0.11
C ASP A 302 -14.85 13.86 1.41
N GLU A 303 -15.33 13.34 2.54
CA GLU A 303 -14.68 13.59 3.84
C GLU A 303 -13.25 13.07 3.85
N ALA A 304 -13.03 11.91 3.22
CA ALA A 304 -11.69 11.30 3.15
C ALA A 304 -10.76 12.19 2.36
N ILE A 305 -11.22 12.64 1.21
CA ILE A 305 -10.43 13.54 0.37
C ILE A 305 -10.14 14.87 1.09
N ALA A 306 -11.12 15.42 1.80
CA ALA A 306 -10.93 16.68 2.52
C ALA A 306 -9.79 16.60 3.52
N GLU A 307 -9.70 15.46 4.21
CA GLU A 307 -8.66 15.24 5.18
C GLU A 307 -7.27 15.12 4.52
N THR A 308 -7.18 14.41 3.41
CA THR A 308 -5.94 14.33 2.64
C THR A 308 -5.49 15.75 2.26
N LYS A 309 -6.41 16.54 1.73
CA LYS A 309 -6.13 17.94 1.36
C LYS A 309 -5.67 18.80 2.52
N ARG A 310 -6.29 18.64 3.69
CA ARG A 310 -5.91 19.39 4.86
C ARG A 310 -4.45 19.12 5.20
N MET A 311 -4.10 17.84 5.24
CA MET A 311 -2.75 17.44 5.57
C MET A 311 -1.75 17.81 4.50
N LYS A 312 -2.14 17.75 3.22
CA LYS A 312 -1.24 18.09 2.14
C LYS A 312 -0.82 19.55 2.28
N ALA A 313 -1.75 20.39 2.73
CA ALA A 313 -1.46 21.82 2.84
C ALA A 313 -0.44 22.09 3.95
N LEU A 314 -0.49 21.33 5.03
CA LEU A 314 0.44 21.44 6.15
C LEU A 314 1.83 20.90 5.80
N ALA A 315 1.90 20.02 4.80
CA ALA A 315 3.16 19.35 4.46
C ALA A 315 4.17 20.27 3.76
N HIS A 316 3.69 21.34 3.16
CA HIS A 316 4.53 22.12 2.23
C HIS A 316 5.65 22.89 2.93
N ALA A 317 5.35 23.48 4.09
CA ALA A 317 6.32 24.32 4.81
C ALA A 317 6.38 23.97 6.28
N HIS A 318 7.57 24.15 6.87
CA HIS A 318 7.84 23.78 8.26
C HIS A 318 6.84 24.41 9.24
O17 RB2 B . 15.84 14.36 6.18
C15 RB2 B . 16.01 13.20 6.67
O16 RB2 B . 16.13 13.01 7.91
C13 RB2 B . 16.06 12.06 5.75
O14 RB2 B . 16.41 12.28 4.60
N12 RB2 B . 15.70 10.85 6.22
C6 RB2 B . 15.64 9.65 5.55
C5 RB2 B . 15.24 8.52 6.26
C8 RB2 B . 14.84 8.55 7.70
O10 RB2 B . 14.40 7.55 8.24
O9 RB2 B . 14.95 9.77 8.48
C11 RB2 B . 14.14 9.86 9.66
C4 RB2 B . 15.19 7.26 5.65
C3 RB2 B . 15.53 7.13 4.33
CL RB2 B . 15.44 5.49 3.61
C2 RB2 B . 15.92 8.23 3.59
C1 RB2 B . 16.01 9.48 4.19
C1 GOL C . -10.86 -6.43 -5.67
O1 GOL C . -10.20 -7.44 -6.41
C2 GOL C . -10.25 -6.36 -4.30
O2 GOL C . -10.30 -7.65 -3.72
C3 GOL C . -11.00 -5.31 -3.51
O3 GOL C . -10.47 -5.21 -2.22
#